data_4G8F
#
_entry.id   4G8F
#
_cell.length_a   46.520
_cell.length_b   56.790
_cell.length_c   85.890
_cell.angle_alpha   90.000
_cell.angle_beta   101.430
_cell.angle_gamma   90.000
#
_symmetry.space_group_name_H-M   'P 1 21 1'
#
loop_
_entity.id
_entity.type
_entity.pdbx_description
1 polymer 'alpha chain clone 42 TCR'
2 polymer 'beta chain clone 42 TCR'
3 water water
#
loop_
_entity_poly.entity_id
_entity_poly.type
_entity_poly.pdbx_seq_one_letter_code
_entity_poly.pdbx_strand_id
1 'polypeptide(L)'
;GQNIDQPTEMTATEGAIVQINCTYQTSGFNGLFWYQQHAGEAPTFLSYNVLDGLEEKGRFSSFLSRSKGYSYLLLKELQM
KDSASYLCAVRNTGGFKTIFGAGTRLFVKANIQNPDPAVYQLRDSKSSDKSVCLFTDFDSQTNVSQSKDSDVYITDKCVL
DMRSMDFKSNSAVAWSNKSDFACANAFNNSIIPEDTFFPSPESS
;
A
2 'polypeptide(L)'
;NAGVTQTPKFRVLKTGQSMTLLCAQDMNHEYMYWYRQDPGMGLRLIHYSVGEGTTAKGEVPDGYNVSRLKKQNFLLGLES
AAPSQTSVYFCASSPRLAGDEQFFGPGTRLTVLEDLKNVFPPEVAVFEPSEAEISHTQKATLVCLATGFYPDHVELSWWV
NGKEVHSGVCTDPQPLKEQPALNDSRYALSSRLRVSATFWQNPRNHFRCQVQFYGLSENDEWTQDRAKPVTQIVSAEAWG
RAD
;
B
#
# COMPACT_ATOMS: atom_id res chain seq x y z
N ASN A 3 25.69 7.79 -2.69
CA ASN A 3 24.71 7.13 -1.83
C ASN A 3 23.74 8.14 -1.23
N ILE A 4 22.46 7.78 -1.30
CA ILE A 4 21.35 8.58 -0.81
C ILE A 4 20.89 8.05 0.55
N ASP A 5 20.82 8.96 1.54
CA ASP A 5 20.38 8.70 2.89
C ASP A 5 19.20 9.60 3.25
N GLN A 6 18.12 8.93 3.61
CA GLN A 6 16.84 9.47 4.00
C GLN A 6 16.34 8.74 5.25
N PRO A 7 15.57 9.40 6.15
CA PRO A 7 15.00 8.66 7.30
C PRO A 7 13.96 7.66 6.81
N THR A 8 13.81 6.50 7.48
CA THR A 8 12.80 5.50 7.07
C THR A 8 11.37 6.03 7.26
N GLU A 9 11.08 6.52 8.46
CA GLU A 9 9.73 6.95 8.84
C GLU A 9 9.76 8.35 9.42
N MET A 10 8.69 9.11 9.19
CA MET A 10 8.46 10.43 9.79
C MET A 10 6.96 10.51 10.09
N THR A 11 6.58 11.32 11.12
N THR A 11 6.60 11.34 11.10
CA THR A 11 5.19 11.56 11.52
CA THR A 11 5.22 11.55 11.55
C THR A 11 4.98 13.03 11.86
C THR A 11 5.01 13.05 11.85
N ALA A 12 3.88 13.60 11.40
CA ALA A 12 3.54 14.99 11.66
C ALA A 12 2.03 15.06 11.76
N THR A 13 1.51 16.14 12.31
CA THR A 13 0.08 16.26 12.51
C THR A 13 -0.43 17.15 11.42
N GLU A 14 -1.67 16.89 10.94
CA GLU A 14 -2.35 17.72 9.95
C GLU A 14 -2.36 19.21 10.36
N GLY A 15 -2.04 20.08 9.42
CA GLY A 15 -1.98 21.53 9.61
C GLY A 15 -0.59 22.07 9.93
N ALA A 16 0.37 21.18 10.18
CA ALA A 16 1.75 21.53 10.52
C ALA A 16 2.63 21.56 9.28
N ILE A 17 3.93 21.83 9.53
CA ILE A 17 5.02 21.92 8.56
C ILE A 17 5.98 20.76 8.80
N VAL A 18 6.33 20.04 7.73
CA VAL A 18 7.28 18.91 7.81
C VAL A 18 8.36 19.13 6.82
N GLN A 19 9.55 18.79 7.23
CA GLN A 19 10.76 18.88 6.45
C GLN A 19 11.42 17.48 6.41
N ILE A 20 11.53 16.90 5.19
CA ILE A 20 12.10 15.57 4.95
C ILE A 20 13.49 15.80 4.38
N ASN A 21 14.50 15.46 5.16
CA ASN A 21 15.87 15.64 4.80
C ASN A 21 16.46 14.50 4.01
N CYS A 22 17.30 14.87 3.04
CA CYS A 22 18.05 13.92 2.25
C CYS A 22 19.49 14.40 2.03
N THR A 23 20.45 13.47 2.19
CA THR A 23 21.87 13.73 1.90
C THR A 23 22.27 12.80 0.76
N TYR A 24 23.14 13.28 -0.13
CA TYR A 24 23.59 12.49 -1.29
C TYR A 24 25.07 12.72 -1.49
N GLN A 25 25.74 11.75 -2.10
CA GLN A 25 27.17 11.82 -2.33
C GLN A 25 27.46 12.31 -3.74
N THR A 26 27.95 13.58 -3.84
CA THR A 26 28.32 14.34 -5.05
C THR A 26 28.61 13.50 -6.31
N SER A 27 29.89 13.17 -6.53
CA SER A 27 30.43 12.43 -7.68
C SER A 27 29.98 13.12 -8.99
N GLY A 28 28.94 12.59 -9.62
CA GLY A 28 28.38 13.17 -10.83
C GLY A 28 27.01 13.75 -10.55
N PHE A 29 26.95 15.03 -10.13
CA PHE A 29 25.67 15.62 -9.80
C PHE A 29 24.98 16.38 -10.94
N ASN A 30 23.91 15.77 -11.50
CA ASN A 30 23.13 16.39 -12.59
C ASN A 30 21.66 16.59 -12.19
N GLY A 31 21.42 16.89 -10.93
CA GLY A 31 20.05 17.14 -10.47
C GLY A 31 19.55 16.20 -9.41
N LEU A 32 18.67 16.73 -8.56
CA LEU A 32 18.04 15.99 -7.49
C LEU A 32 16.53 16.02 -7.69
N PHE A 33 15.91 14.84 -7.67
CA PHE A 33 14.45 14.69 -7.79
C PHE A 33 13.76 14.33 -6.48
N TRP A 34 12.52 14.81 -6.31
CA TRP A 34 11.63 14.38 -5.24
C TRP A 34 10.40 13.75 -5.90
N TYR A 35 10.07 12.51 -5.51
CA TYR A 35 8.89 11.81 -6.01
C TYR A 35 7.97 11.50 -4.84
N GLN A 36 6.66 11.48 -5.08
CA GLN A 36 5.68 11.07 -4.09
C GLN A 36 5.23 9.64 -4.45
N GLN A 37 5.24 8.71 -3.48
CA GLN A 37 4.72 7.35 -3.75
C GLN A 37 3.73 6.90 -2.68
N HIS A 38 2.45 6.93 -3.02
CA HIS A 38 1.39 6.43 -2.16
C HIS A 38 1.52 4.91 -2.17
N ALA A 39 1.10 4.26 -1.09
CA ALA A 39 1.16 2.79 -1.02
C ALA A 39 -0.06 2.20 -1.80
N GLY A 40 0.14 1.24 -2.67
CA GLY A 40 1.36 0.72 -3.27
C GLY A 40 1.09 1.10 -4.70
N GLU A 41 1.30 2.40 -4.98
CA GLU A 41 0.97 3.02 -6.24
C GLU A 41 2.21 3.42 -6.97
N ALA A 42 2.01 3.97 -8.14
CA ALA A 42 3.11 4.42 -8.95
C ALA A 42 3.72 5.73 -8.40
N PRO A 43 5.07 5.82 -8.28
CA PRO A 43 5.67 7.11 -7.87
C PRO A 43 5.31 8.19 -8.91
N THR A 44 5.13 9.44 -8.45
CA THR A 44 4.82 10.59 -9.29
C THR A 44 5.77 11.73 -8.94
N PHE A 45 6.22 12.46 -9.97
CA PHE A 45 7.14 13.58 -9.88
C PHE A 45 6.59 14.71 -9.01
N LEU A 46 7.45 15.23 -8.15
CA LEU A 46 7.15 16.34 -7.26
C LEU A 46 7.98 17.53 -7.68
N SER A 47 9.31 17.37 -7.68
CA SER A 47 10.23 18.44 -8.00
C SER A 47 11.58 17.98 -8.56
N TYR A 48 12.28 18.91 -9.23
CA TYR A 48 13.64 18.76 -9.76
C TYR A 48 14.44 19.99 -9.34
N ASN A 49 15.64 19.79 -8.77
CA ASN A 49 16.52 20.88 -8.29
C ASN A 49 17.91 20.66 -8.80
N VAL A 50 18.44 21.64 -9.55
CA VAL A 50 19.81 21.55 -10.07
C VAL A 50 20.68 22.68 -9.49
N LEU A 51 20.05 23.81 -9.19
CA LEU A 51 20.69 24.96 -8.60
C LEU A 51 20.26 25.08 -7.15
N ASP A 52 21.03 25.82 -6.36
CA ASP A 52 20.70 26.19 -4.97
C ASP A 52 19.58 27.28 -5.13
N GLY A 53 18.68 27.54 -4.17
CA GLY A 53 18.45 26.92 -2.89
C GLY A 53 17.01 26.43 -2.79
N LEU A 54 16.07 27.32 -2.44
CA LEU A 54 14.65 27.04 -2.13
C LEU A 54 13.61 27.38 -3.22
N GLU A 55 12.79 26.39 -3.63
CA GLU A 55 11.75 26.56 -4.68
C GLU A 55 10.33 26.11 -4.27
N GLU A 56 9.36 27.04 -4.30
CA GLU A 56 7.95 26.79 -3.97
C GLU A 56 7.20 26.20 -5.19
N LYS A 57 6.32 25.24 -4.91
CA LYS A 57 5.50 24.52 -5.87
C LYS A 57 4.25 24.13 -5.12
N GLY A 58 3.43 25.14 -4.81
CA GLY A 58 2.18 24.99 -4.08
C GLY A 58 2.42 24.98 -2.59
N ARG A 59 2.07 23.86 -1.92
CA ARG A 59 2.29 23.68 -0.48
C ARG A 59 3.65 23.02 -0.22
N PHE A 60 4.32 22.57 -1.30
CA PHE A 60 5.61 21.88 -1.21
C PHE A 60 6.74 22.82 -1.69
N SER A 61 7.86 22.83 -0.95
CA SER A 61 9.07 23.56 -1.30
C SER A 61 10.24 22.61 -1.32
N SER A 62 11.09 22.76 -2.34
CA SER A 62 12.26 21.93 -2.48
C SER A 62 13.51 22.76 -2.31
N PHE A 63 14.41 22.29 -1.44
CA PHE A 63 15.66 22.97 -1.17
C PHE A 63 16.84 22.15 -1.64
N LEU A 64 17.85 22.84 -2.19
CA LEU A 64 19.09 22.21 -2.62
C LEU A 64 20.27 23.04 -2.15
N SER A 65 21.28 22.38 -1.61
CA SER A 65 22.58 22.94 -1.25
C SER A 65 23.54 21.95 -1.89
N ARG A 66 24.19 22.36 -2.99
CA ARG A 66 25.11 21.53 -3.75
C ARG A 66 26.40 21.22 -2.99
N SER A 67 26.94 22.19 -2.24
CA SER A 67 28.15 22.03 -1.43
C SER A 67 27.99 21.05 -0.25
N LYS A 68 26.78 21.01 0.37
CA LYS A 68 26.58 20.10 1.49
C LYS A 68 26.09 18.72 1.07
N GLY A 69 25.65 18.59 -0.18
CA GLY A 69 25.06 17.36 -0.69
C GLY A 69 23.76 17.14 0.06
N TYR A 70 23.01 18.23 0.28
CA TYR A 70 21.81 18.21 1.08
C TYR A 70 20.62 18.74 0.33
N SER A 71 19.49 18.04 0.47
CA SER A 71 18.23 18.48 -0.06
C SER A 71 17.14 18.20 0.99
N TYR A 72 16.09 19.02 1.00
CA TYR A 72 14.94 18.76 1.83
C TYR A 72 13.67 19.06 1.06
N LEU A 73 12.64 18.30 1.36
CA LEU A 73 11.32 18.52 0.85
C LEU A 73 10.51 19.09 2.03
N LEU A 74 9.97 20.31 1.87
CA LEU A 74 9.21 20.99 2.92
C LEU A 74 7.73 20.97 2.56
N LEU A 75 6.89 20.45 3.48
CA LEU A 75 5.46 20.37 3.22
C LEU A 75 4.76 21.22 4.25
N LYS A 76 4.03 22.27 3.82
CA LYS A 76 3.27 23.10 4.78
C LYS A 76 1.82 22.76 4.67
N GLU A 77 1.01 23.28 5.61
CA GLU A 77 -0.45 23.12 5.66
C GLU A 77 -0.76 21.62 5.38
N LEU A 78 -0.09 20.73 6.16
CA LEU A 78 -0.14 19.29 6.01
C LEU A 78 -1.53 18.72 6.05
N GLN A 79 -1.83 17.89 5.06
CA GLN A 79 -3.12 17.25 4.83
C GLN A 79 -2.98 15.74 5.00
N MET A 80 -4.11 15.05 5.28
CA MET A 80 -4.18 13.58 5.43
C MET A 80 -3.69 12.86 4.16
N LYS A 81 -3.98 13.45 2.98
CA LYS A 81 -3.61 12.93 1.65
C LYS A 81 -2.10 12.95 1.38
N ASP A 82 -1.33 13.63 2.23
CA ASP A 82 0.12 13.74 2.12
C ASP A 82 0.79 12.51 2.69
N SER A 83 0.02 11.64 3.40
CA SER A 83 0.52 10.37 3.95
C SER A 83 0.94 9.52 2.79
N ALA A 84 2.25 9.33 2.59
CA ALA A 84 2.85 8.60 1.47
C ALA A 84 4.34 8.43 1.76
N SER A 85 5.05 7.78 0.84
CA SER A 85 6.52 7.74 0.87
C SER A 85 6.99 8.88 -0.01
N TYR A 86 8.13 9.47 0.35
CA TYR A 86 8.71 10.56 -0.42
C TYR A 86 10.09 10.12 -0.78
N LEU A 87 10.36 10.06 -2.10
CA LEU A 87 11.61 9.53 -2.63
C LEU A 87 12.57 10.57 -3.10
N CYS A 88 13.77 10.52 -2.55
CA CYS A 88 14.86 11.39 -2.93
C CYS A 88 15.72 10.63 -3.94
N ALA A 89 15.90 11.24 -5.12
CA ALA A 89 16.58 10.58 -6.21
C ALA A 89 17.63 11.50 -6.85
N VAL A 90 18.74 10.91 -7.35
CA VAL A 90 19.86 11.67 -7.93
C VAL A 90 20.18 11.22 -9.35
N ARG A 91 20.26 12.18 -10.29
CA ARG A 91 20.53 11.94 -11.72
C ARG A 91 21.94 12.33 -12.19
N ASN A 92 22.44 11.62 -13.25
CA ASN A 92 23.70 11.79 -14.00
C ASN A 92 23.73 10.81 -15.18
N GLY A 95 21.79 12.70 -18.09
CA GLY A 95 20.36 12.90 -17.91
C GLY A 95 19.53 11.74 -18.42
N PHE A 96 19.85 10.51 -17.97
CA PHE A 96 19.17 9.29 -18.39
C PHE A 96 19.01 8.22 -17.31
N LYS A 97 19.83 8.28 -16.24
CA LYS A 97 19.78 7.33 -15.12
C LYS A 97 19.54 8.07 -13.80
N THR A 98 18.48 7.68 -13.10
CA THR A 98 18.11 8.25 -11.81
C THR A 98 18.22 7.15 -10.75
N ILE A 99 19.04 7.40 -9.71
CA ILE A 99 19.22 6.45 -8.61
C ILE A 99 18.38 6.93 -7.44
N PHE A 100 17.47 6.07 -6.93
CA PHE A 100 16.56 6.45 -5.85
C PHE A 100 17.04 6.04 -4.47
N GLY A 101 16.77 6.89 -3.49
CA GLY A 101 16.95 6.60 -2.08
C GLY A 101 15.87 5.62 -1.65
N ALA A 102 16.02 5.02 -0.46
CA ALA A 102 15.09 4.03 0.07
C ALA A 102 13.67 4.57 0.39
N GLY A 103 13.51 5.90 0.45
CA GLY A 103 12.24 6.57 0.71
C GLY A 103 11.98 6.86 2.19
N THR A 104 11.13 7.85 2.47
CA THR A 104 10.68 8.22 3.81
C THR A 104 9.14 8.10 3.84
N ARG A 105 8.63 7.16 4.62
N ARG A 105 8.61 7.14 4.60
CA ARG A 105 7.19 7.00 4.76
CA ARG A 105 7.16 6.99 4.73
C ARG A 105 6.71 8.03 5.78
C ARG A 105 6.69 8.00 5.77
N LEU A 106 5.84 8.94 5.35
CA LEU A 106 5.30 9.97 6.22
C LEU A 106 3.89 9.59 6.71
N PHE A 107 3.70 9.55 8.03
N PHE A 107 3.72 9.61 8.03
CA PHE A 107 2.35 9.31 8.55
CA PHE A 107 2.46 9.33 8.70
C PHE A 107 1.82 10.65 9.04
C PHE A 107 1.83 10.69 9.09
N VAL A 108 0.70 11.07 8.47
CA VAL A 108 0.03 12.33 8.82
C VAL A 108 -1.02 11.98 9.87
N LYS A 109 -0.92 12.58 11.05
CA LYS A 109 -1.86 12.37 12.14
C LYS A 109 -3.01 13.36 11.99
N ALA A 110 -4.23 12.89 12.19
CA ALA A 110 -5.42 13.73 12.12
C ALA A 110 -5.54 14.58 13.40
N ASN A 111 -6.10 15.78 13.26
CA ASN A 111 -6.36 16.63 14.42
C ASN A 111 -7.82 16.35 14.92
N ILE A 112 -7.95 15.49 15.94
CA ILE A 112 -9.23 15.05 16.52
C ILE A 112 -9.83 16.16 17.40
N GLN A 113 -10.87 16.82 16.87
CA GLN A 113 -11.56 17.99 17.45
C GLN A 113 -12.19 17.78 18.83
N ASN A 114 -12.75 16.56 19.09
CA ASN A 114 -13.37 16.18 20.36
C ASN A 114 -13.16 14.71 20.65
N PRO A 115 -12.00 14.33 21.24
CA PRO A 115 -11.77 12.90 21.51
C PRO A 115 -12.58 12.27 22.65
N ASP A 116 -13.12 11.07 22.38
CA ASP A 116 -13.78 10.24 23.36
C ASP A 116 -13.40 8.79 23.15
N PRO A 117 -12.16 8.44 23.59
CA PRO A 117 -11.70 7.06 23.40
C PRO A 117 -12.62 6.05 24.05
N ALA A 118 -12.83 4.93 23.35
CA ALA A 118 -13.68 3.85 23.84
C ALA A 118 -13.34 2.57 23.12
N VAL A 119 -13.58 1.43 23.78
CA VAL A 119 -13.39 0.11 23.20
C VAL A 119 -14.80 -0.49 23.04
N TYR A 120 -15.08 -1.00 21.85
CA TYR A 120 -16.38 -1.59 21.58
C TYR A 120 -16.20 -2.98 21.06
N GLN A 121 -17.13 -3.88 21.39
CA GLN A 121 -17.12 -5.24 20.84
C GLN A 121 -18.21 -5.30 19.77
N LEU A 122 -17.83 -5.80 18.59
CA LEU A 122 -18.66 -5.98 17.41
C LEU A 122 -18.84 -7.48 17.23
N ARG A 123 -20.07 -7.91 16.95
CA ARG A 123 -20.43 -9.31 16.78
C ARG A 123 -20.44 -9.70 15.31
N ASP A 124 -20.01 -10.94 14.99
CA ASP A 124 -20.02 -11.47 13.62
C ASP A 124 -21.45 -11.43 13.06
N SER A 125 -21.56 -11.00 11.80
CA SER A 125 -22.83 -10.90 11.06
C SER A 125 -23.46 -12.28 10.76
N LYS A 126 -22.62 -13.33 10.59
CA LYS A 126 -23.03 -14.71 10.31
C LYS A 126 -23.29 -15.64 11.53
N SER A 127 -22.26 -16.02 12.33
CA SER A 127 -22.35 -16.87 13.54
C SER A 127 -20.99 -17.26 14.15
N SER A 128 -20.92 -18.47 14.76
CA SER A 128 -19.77 -19.11 15.43
C SER A 128 -19.32 -18.36 16.71
N ASP A 129 -20.08 -17.31 17.11
CA ASP A 129 -19.81 -16.41 18.23
C ASP A 129 -18.41 -15.81 18.12
N LYS A 130 -18.03 -15.43 16.88
CA LYS A 130 -16.75 -14.81 16.54
C LYS A 130 -16.94 -13.32 16.73
N SER A 131 -15.91 -12.59 17.19
CA SER A 131 -16.04 -11.16 17.42
C SER A 131 -14.72 -10.40 17.39
N VAL A 132 -14.80 -9.07 17.16
CA VAL A 132 -13.68 -8.14 17.13
C VAL A 132 -13.89 -7.01 18.13
N CYS A 133 -12.78 -6.45 18.60
CA CYS A 133 -12.76 -5.32 19.52
C CYS A 133 -12.29 -4.14 18.72
N LEU A 134 -12.98 -3.03 18.88
CA LEU A 134 -12.65 -1.82 18.18
C LEU A 134 -12.33 -0.72 19.17
N PHE A 135 -11.09 -0.22 19.13
CA PHE A 135 -10.64 0.93 19.92
C PHE A 135 -10.73 2.08 18.95
N THR A 136 -11.56 3.08 19.28
CA THR A 136 -11.83 4.20 18.40
C THR A 136 -11.95 5.54 19.12
N ASP A 137 -11.95 6.64 18.35
CA ASP A 137 -12.15 8.01 18.80
C ASP A 137 -11.09 8.62 19.72
N PHE A 138 -9.96 7.90 19.89
CA PHE A 138 -8.81 8.37 20.67
C PHE A 138 -8.09 9.47 19.90
N ASP A 139 -7.43 10.40 20.62
CA ASP A 139 -6.66 11.41 19.91
C ASP A 139 -5.35 10.81 19.40
N SER A 140 -4.75 11.45 18.40
CA SER A 140 -3.58 10.99 17.65
C SER A 140 -2.25 10.81 18.39
N GLN A 141 -2.12 11.43 19.58
CA GLN A 141 -0.91 11.27 20.42
C GLN A 141 -0.96 9.93 21.15
N THR A 142 -2.18 9.29 21.21
CA THR A 142 -2.42 8.00 21.86
C THR A 142 -1.69 6.86 21.14
N ASN A 143 -0.95 6.03 21.90
CA ASN A 143 -0.19 4.91 21.35
C ASN A 143 -0.91 3.58 21.54
N VAL A 144 -1.17 2.87 20.43
CA VAL A 144 -1.85 1.57 20.46
C VAL A 144 -0.85 0.49 20.86
N SER A 145 -1.06 -0.09 22.06
CA SER A 145 -0.22 -1.14 22.63
C SER A 145 -0.32 -2.40 21.79
N GLN A 146 0.79 -2.84 21.18
CA GLN A 146 0.84 -4.05 20.37
C GLN A 146 0.75 -5.26 21.30
N SER A 147 0.18 -6.38 20.81
CA SER A 147 0.00 -7.60 21.61
C SER A 147 1.30 -8.36 21.86
N LYS A 148 1.47 -8.81 23.12
CA LYS A 148 2.60 -9.62 23.57
C LYS A 148 2.16 -11.10 23.58
N ASP A 149 0.83 -11.32 23.56
CA ASP A 149 0.15 -12.62 23.53
C ASP A 149 0.09 -13.16 22.09
N SER A 150 0.41 -14.46 21.92
CA SER A 150 0.45 -15.19 20.65
C SER A 150 -0.89 -15.34 19.93
N ASP A 151 -1.99 -15.44 20.70
CA ASP A 151 -3.31 -15.62 20.08
C ASP A 151 -4.07 -14.36 19.66
N VAL A 152 -3.72 -13.16 20.21
CA VAL A 152 -4.37 -11.87 19.91
C VAL A 152 -3.64 -11.04 18.84
N TYR A 153 -4.42 -10.57 17.85
CA TYR A 153 -3.96 -9.73 16.75
C TYR A 153 -4.54 -8.34 16.96
N ILE A 154 -3.68 -7.32 16.87
CA ILE A 154 -4.00 -5.90 17.03
C ILE A 154 -3.40 -5.18 15.82
N THR A 155 -4.26 -4.50 15.04
CA THR A 155 -3.86 -3.75 13.83
C THR A 155 -3.28 -2.42 14.22
N ASP A 156 -2.64 -1.74 13.27
CA ASP A 156 -2.10 -0.41 13.49
C ASP A 156 -3.24 0.58 13.46
N LYS A 157 -3.00 1.82 13.92
CA LYS A 157 -4.04 2.85 13.89
C LYS A 157 -4.41 3.23 12.46
N CYS A 158 -5.68 3.55 12.25
CA CYS A 158 -6.23 3.82 10.94
C CYS A 158 -7.08 5.07 10.98
N VAL A 159 -6.82 6.02 10.08
CA VAL A 159 -7.58 7.27 10.02
C VAL A 159 -8.72 7.19 9.02
N LEU A 160 -9.92 7.35 9.53
CA LEU A 160 -11.17 7.26 8.80
C LEU A 160 -11.73 8.69 8.67
N ASP A 161 -12.23 9.04 7.46
CA ASP A 161 -12.79 10.37 7.20
C ASP A 161 -14.19 10.24 6.63
N MET A 162 -15.17 10.76 7.38
CA MET A 162 -16.57 10.76 6.94
C MET A 162 -16.80 11.91 5.93
N ARG A 163 -16.05 13.03 6.10
CA ARG A 163 -16.01 14.23 5.24
C ARG A 163 -17.33 14.95 5.04
N SER A 164 -18.44 14.20 4.82
CA SER A 164 -19.82 14.71 4.72
C SER A 164 -20.21 15.28 6.09
N MET A 165 -19.66 14.72 7.17
CA MET A 165 -19.87 15.20 8.54
C MET A 165 -18.66 16.03 8.97
N ASP A 166 -17.62 16.09 8.11
CA ASP A 166 -16.30 16.69 8.37
C ASP A 166 -15.75 16.15 9.71
N PHE A 167 -15.82 14.82 9.82
CA PHE A 167 -15.41 14.10 10.99
C PHE A 167 -14.33 13.09 10.65
N LYS A 168 -13.26 13.10 11.45
CA LYS A 168 -12.14 12.20 11.32
C LYS A 168 -11.99 11.41 12.61
N SER A 169 -11.72 10.10 12.47
CA SER A 169 -11.52 9.23 13.62
C SER A 169 -10.43 8.19 13.42
N ASN A 170 -9.68 7.97 14.50
CA ASN A 170 -8.65 6.95 14.59
C ASN A 170 -9.25 5.70 15.13
N SER A 171 -8.81 4.56 14.64
CA SER A 171 -9.25 3.29 15.20
C SER A 171 -8.14 2.27 15.14
N ALA A 172 -8.32 1.17 15.87
CA ALA A 172 -7.48 -0.03 15.85
C ALA A 172 -8.41 -1.18 16.16
N VAL A 173 -8.18 -2.27 15.47
CA VAL A 173 -8.99 -3.46 15.56
C VAL A 173 -8.19 -4.58 16.25
N ALA A 174 -8.89 -5.41 17.02
CA ALA A 174 -8.30 -6.55 17.71
C ALA A 174 -9.27 -7.70 17.78
N TRP A 175 -8.71 -8.91 17.65
CA TRP A 175 -9.42 -10.17 17.72
C TRP A 175 -8.45 -11.29 18.13
N SER A 176 -9.01 -12.40 18.60
CA SER A 176 -8.28 -13.60 18.97
C SER A 176 -9.04 -14.83 18.44
N ASN A 177 -8.31 -15.83 17.91
CA ASN A 177 -8.94 -17.07 17.44
C ASN A 177 -9.40 -17.97 18.64
N LYS A 178 -9.29 -17.44 19.89
CA LYS A 178 -9.62 -18.09 21.16
C LYS A 178 -10.77 -17.38 21.87
N SER A 179 -11.68 -18.15 22.50
CA SER A 179 -12.81 -17.65 23.28
C SER A 179 -12.76 -18.29 24.69
N ASP A 180 -13.07 -17.54 25.78
CA ASP A 180 -13.50 -16.14 25.78
C ASP A 180 -12.34 -15.14 25.81
N PHE A 181 -12.27 -14.27 24.78
CA PHE A 181 -11.24 -13.24 24.66
C PHE A 181 -11.75 -11.91 25.18
N ALA A 182 -10.94 -11.27 26.04
CA ALA A 182 -11.26 -10.00 26.68
C ALA A 182 -11.14 -8.80 25.73
N CYS A 183 -12.18 -7.96 25.68
CA CYS A 183 -12.11 -6.74 24.86
C CYS A 183 -11.36 -5.67 25.61
N ALA A 184 -11.69 -5.50 26.90
CA ALA A 184 -11.03 -4.54 27.77
C ALA A 184 -9.73 -5.16 28.35
N ASN A 185 -8.64 -4.97 27.59
CA ASN A 185 -7.24 -5.34 27.87
C ASN A 185 -6.39 -4.84 26.69
N ALA A 186 -6.00 -5.73 25.76
CA ALA A 186 -5.24 -5.54 24.51
C ALA A 186 -4.70 -4.14 24.17
N PHE A 187 -5.61 -3.16 24.02
CA PHE A 187 -5.26 -1.78 23.65
C PHE A 187 -4.60 -0.98 24.79
N ASN A 188 -5.02 -1.25 26.05
CA ASN A 188 -4.54 -0.62 27.29
C ASN A 188 -3.04 -0.87 27.50
N ASN B 1 -2.26 11.48 -21.86
CA ASN B 1 -3.14 10.67 -22.72
C ASN B 1 -3.62 9.38 -22.04
N ALA B 2 -2.67 8.54 -21.55
CA ALA B 2 -2.90 7.26 -20.86
C ALA B 2 -1.68 6.93 -19.97
N GLY B 3 -0.47 7.16 -20.50
CA GLY B 3 0.78 6.95 -19.78
C GLY B 3 1.43 5.61 -20.03
N VAL B 4 2.10 5.13 -18.99
CA VAL B 4 2.78 3.83 -18.95
C VAL B 4 1.78 2.82 -18.46
N THR B 5 1.63 1.71 -19.15
CA THR B 5 0.76 0.62 -18.71
C THR B 5 1.64 -0.60 -18.47
N GLN B 6 1.20 -1.52 -17.62
CA GLN B 6 1.96 -2.73 -17.29
C GLN B 6 1.02 -3.91 -17.15
N THR B 7 1.47 -5.09 -17.60
CA THR B 7 0.71 -6.33 -17.46
C THR B 7 1.63 -7.46 -17.06
N PRO B 8 1.23 -8.38 -16.14
CA PRO B 8 -0.03 -8.41 -15.37
C PRO B 8 0.06 -7.50 -14.13
N LYS B 9 -0.98 -7.50 -13.31
CA LYS B 9 -1.01 -6.74 -12.05
C LYS B 9 -0.40 -7.60 -10.93
N PHE B 10 -0.76 -8.90 -10.91
CA PHE B 10 -0.29 -9.87 -9.93
C PHE B 10 0.05 -11.17 -10.63
N ARG B 11 0.96 -11.93 -10.02
CA ARG B 11 1.36 -13.26 -10.48
C ARG B 11 2.00 -14.06 -9.36
N VAL B 12 1.58 -15.32 -9.24
CA VAL B 12 2.14 -16.32 -8.34
C VAL B 12 2.88 -17.26 -9.28
N LEU B 13 4.20 -17.49 -9.02
CA LEU B 13 5.02 -18.40 -9.82
C LEU B 13 5.61 -19.45 -8.90
N LYS B 14 5.75 -20.68 -9.43
CA LYS B 14 6.43 -21.76 -8.71
C LYS B 14 7.91 -21.56 -9.09
N THR B 15 8.84 -21.90 -8.20
CA THR B 15 10.28 -21.78 -8.51
C THR B 15 10.61 -22.57 -9.80
N GLY B 16 11.43 -22.00 -10.67
CA GLY B 16 11.85 -22.65 -11.91
C GLY B 16 11.07 -22.22 -13.15
N GLN B 17 9.85 -21.69 -12.96
CA GLN B 17 8.96 -21.25 -14.04
C GLN B 17 9.42 -19.99 -14.75
N SER B 18 8.97 -19.83 -15.99
CA SER B 18 9.27 -18.67 -16.80
C SER B 18 8.10 -17.65 -16.74
N MET B 19 8.42 -16.37 -16.95
CA MET B 19 7.44 -15.29 -16.99
C MET B 19 7.96 -14.05 -17.68
N THR B 20 7.05 -13.38 -18.37
CA THR B 20 7.35 -12.15 -19.04
C THR B 20 6.49 -11.04 -18.43
N LEU B 21 7.11 -9.86 -18.20
CA LEU B 21 6.46 -8.66 -17.67
C LEU B 21 6.45 -7.72 -18.83
N LEU B 22 5.27 -7.21 -19.14
CA LEU B 22 5.06 -6.35 -20.30
C LEU B 22 4.82 -4.90 -19.92
N CYS B 23 5.48 -4.00 -20.62
CA CYS B 23 5.30 -2.59 -20.37
C CYS B 23 5.12 -1.83 -21.67
N ALA B 24 4.19 -0.86 -21.66
CA ALA B 24 3.88 -0.04 -22.83
C ALA B 24 3.76 1.42 -22.43
N GLN B 25 4.01 2.32 -23.40
CA GLN B 25 3.95 3.79 -23.24
C GLN B 25 3.56 4.38 -24.59
N ASP B 26 2.61 5.32 -24.59
CA ASP B 26 2.09 5.95 -25.82
C ASP B 26 2.48 7.41 -25.85
N MET B 27 3.58 7.73 -25.17
CA MET B 27 4.12 9.08 -25.01
C MET B 27 5.29 9.39 -25.94
N ASN B 28 5.72 8.40 -26.78
CA ASN B 28 6.85 8.49 -27.71
C ASN B 28 8.15 8.79 -26.94
N HIS B 29 8.29 8.20 -25.74
CA HIS B 29 9.46 8.34 -24.87
C HIS B 29 10.59 7.43 -25.31
N GLU B 30 11.75 8.02 -25.42
CA GLU B 30 12.96 7.34 -25.87
C GLU B 30 13.51 6.41 -24.78
N TYR B 31 13.52 6.87 -23.51
CA TYR B 31 14.02 6.07 -22.39
C TYR B 31 12.94 5.24 -21.71
N MET B 32 13.27 3.99 -21.38
CA MET B 32 12.43 3.04 -20.64
C MET B 32 13.27 2.35 -19.56
N TYR B 33 12.63 2.06 -18.41
CA TYR B 33 13.30 1.53 -17.23
C TYR B 33 12.49 0.39 -16.58
N TRP B 34 13.18 -0.55 -15.94
CA TRP B 34 12.57 -1.62 -15.18
C TRP B 34 13.22 -1.61 -13.81
N TYR B 35 12.39 -1.37 -12.78
CA TYR B 35 12.82 -1.36 -11.39
C TYR B 35 12.10 -2.46 -10.62
N ARG B 36 12.74 -2.97 -9.56
CA ARG B 36 12.08 -3.82 -8.59
C ARG B 36 12.04 -3.02 -7.26
N GLN B 37 11.05 -3.28 -6.40
CA GLN B 37 10.90 -2.62 -5.11
C GLN B 37 10.25 -3.56 -4.10
N ASP B 38 10.98 -3.93 -3.06
CA ASP B 38 10.41 -4.78 -2.01
C ASP B 38 9.46 -3.93 -1.09
N PRO B 39 8.47 -4.55 -0.34
CA PRO B 39 7.54 -3.79 0.52
C PRO B 39 7.75 -2.30 0.80
N GLY B 40 8.85 -1.93 1.43
CA GLY B 40 9.14 -0.53 1.67
C GLY B 40 10.34 -0.21 2.53
N MET B 41 11.61 -0.25 2.04
CA MET B 41 12.22 -0.69 0.75
C MET B 41 11.99 0.14 -0.50
N GLY B 42 13.11 0.51 -1.15
CA GLY B 42 13.14 1.38 -2.33
C GLY B 42 13.34 0.79 -3.72
N LEU B 43 13.23 1.68 -4.74
CA LEU B 43 13.37 1.41 -6.17
C LEU B 43 14.77 1.05 -6.57
N ARG B 44 14.93 -0.12 -7.20
CA ARG B 44 16.23 -0.60 -7.66
C ARG B 44 16.19 -0.93 -9.15
N LEU B 45 17.04 -0.25 -9.93
N LEU B 45 17.01 -0.24 -9.95
CA LEU B 45 17.18 -0.42 -11.38
CA LEU B 45 17.09 -0.43 -11.39
C LEU B 45 17.69 -1.81 -11.76
C LEU B 45 17.66 -1.80 -11.75
N ILE B 46 16.94 -2.53 -12.61
CA ILE B 46 17.31 -3.87 -13.09
C ILE B 46 18.06 -3.70 -14.41
N HIS B 47 17.37 -3.12 -15.39
CA HIS B 47 17.80 -2.83 -16.76
C HIS B 47 17.07 -1.58 -17.20
N TYR B 48 17.58 -0.94 -18.25
CA TYR B 48 17.02 0.23 -18.89
C TYR B 48 17.34 0.16 -20.38
N SER B 49 16.77 1.08 -21.15
CA SER B 49 16.94 1.16 -22.58
C SER B 49 16.83 2.61 -22.98
N VAL B 50 17.79 3.08 -23.79
CA VAL B 50 17.87 4.45 -24.29
C VAL B 50 17.09 4.66 -25.60
N GLY B 51 16.84 3.56 -26.32
CA GLY B 51 16.08 3.58 -27.56
C GLY B 51 15.69 2.18 -28.00
N GLU B 52 15.02 2.09 -29.16
CA GLU B 52 14.57 0.85 -29.83
C GLU B 52 15.54 -0.34 -29.75
N GLY B 53 16.55 -0.38 -30.61
CA GLY B 53 17.46 -1.53 -30.66
C GLY B 53 18.30 -1.87 -29.43
N THR B 54 18.57 -0.87 -28.58
CA THR B 54 19.43 -1.04 -27.40
C THR B 54 18.75 -1.41 -26.09
N THR B 55 19.54 -2.05 -25.20
CA THR B 55 19.23 -2.48 -23.85
C THR B 55 20.51 -2.33 -22.99
N ALA B 56 20.38 -1.97 -21.70
CA ALA B 56 21.53 -1.78 -20.81
C ALA B 56 21.23 -2.16 -19.36
N LYS B 57 22.24 -2.71 -18.70
CA LYS B 57 22.15 -3.16 -17.31
C LYS B 57 22.09 -2.01 -16.31
N GLY B 58 21.36 -2.22 -15.21
CA GLY B 58 21.20 -1.26 -14.13
C GLY B 58 22.01 -1.64 -12.91
N GLU B 59 21.45 -1.41 -11.71
CA GLU B 59 22.09 -1.78 -10.43
C GLU B 59 21.96 -3.27 -10.17
N VAL B 60 20.75 -3.87 -10.35
CA VAL B 60 20.53 -5.28 -10.05
C VAL B 60 20.04 -6.09 -11.25
N PRO B 61 20.91 -6.31 -12.27
CA PRO B 61 20.48 -7.05 -13.46
C PRO B 61 20.33 -8.56 -13.34
N ASP B 62 21.19 -9.29 -12.57
CA ASP B 62 21.14 -10.77 -12.45
C ASP B 62 19.90 -11.31 -11.71
N GLY B 63 19.14 -12.22 -12.31
CA GLY B 63 19.25 -12.69 -13.68
C GLY B 63 17.92 -12.42 -14.36
N TYR B 64 17.85 -11.28 -15.03
CA TYR B 64 16.64 -10.85 -15.72
C TYR B 64 17.02 -10.58 -17.16
N ASN B 65 16.18 -11.01 -18.10
CA ASN B 65 16.43 -10.72 -19.52
C ASN B 65 15.59 -9.49 -19.83
N VAL B 66 15.89 -8.82 -20.94
CA VAL B 66 15.20 -7.62 -21.30
C VAL B 66 15.26 -7.38 -22.82
N SER B 67 14.20 -6.77 -23.40
N SER B 67 14.22 -6.74 -23.37
CA SER B 67 14.12 -6.46 -24.81
CA SER B 67 14.11 -6.44 -24.79
C SER B 67 13.31 -5.20 -25.08
C SER B 67 13.33 -5.15 -25.02
N ARG B 68 13.77 -4.39 -26.03
CA ARG B 68 13.11 -3.17 -26.45
C ARG B 68 12.94 -3.34 -27.96
N LEU B 69 12.06 -4.28 -28.37
CA LEU B 69 11.76 -4.61 -29.77
C LEU B 69 11.29 -3.35 -30.50
N LYS B 70 10.28 -2.70 -29.93
CA LYS B 70 9.69 -1.47 -30.43
C LYS B 70 9.91 -0.37 -29.40
N LYS B 71 9.88 0.91 -29.83
CA LYS B 71 10.07 2.08 -28.95
C LYS B 71 9.01 2.14 -27.85
N GLN B 72 7.77 1.77 -28.19
CA GLN B 72 6.66 1.77 -27.27
C GLN B 72 6.65 0.62 -26.22
N ASN B 73 7.38 -0.48 -26.48
CA ASN B 73 7.38 -1.64 -25.57
C ASN B 73 8.70 -1.97 -24.90
N PHE B 74 8.63 -2.37 -23.62
CA PHE B 74 9.80 -2.81 -22.87
C PHE B 74 9.39 -4.04 -22.13
N LEU B 75 10.18 -5.09 -22.27
CA LEU B 75 9.87 -6.40 -21.75
C LEU B 75 10.89 -6.89 -20.75
N LEU B 76 10.41 -7.48 -19.67
CA LEU B 76 11.30 -8.07 -18.67
C LEU B 76 11.04 -9.56 -18.60
N GLY B 77 12.11 -10.34 -18.59
CA GLY B 77 12.04 -11.79 -18.61
C GLY B 77 12.67 -12.47 -17.42
N LEU B 78 11.96 -13.45 -16.87
CA LEU B 78 12.38 -14.30 -15.76
C LEU B 78 12.46 -15.71 -16.42
N GLU B 79 13.69 -16.26 -16.61
CA GLU B 79 13.93 -17.57 -17.25
C GLU B 79 13.51 -18.73 -16.35
N SER B 80 14.06 -18.75 -15.13
CA SER B 80 13.87 -19.73 -14.08
C SER B 80 13.63 -18.92 -12.80
N ALA B 81 12.36 -18.60 -12.53
CA ALA B 81 11.97 -17.80 -11.36
C ALA B 81 12.55 -18.33 -10.04
N ALA B 82 13.07 -17.42 -9.22
CA ALA B 82 13.63 -17.74 -7.90
C ALA B 82 12.85 -16.98 -6.82
N PRO B 83 12.70 -17.55 -5.59
CA PRO B 83 11.99 -16.82 -4.52
C PRO B 83 12.58 -15.45 -4.15
N SER B 84 13.84 -15.17 -4.51
CA SER B 84 14.50 -13.87 -4.29
C SER B 84 13.90 -12.79 -5.23
N GLN B 85 13.28 -13.22 -6.34
CA GLN B 85 12.62 -12.34 -7.30
C GLN B 85 11.19 -11.96 -6.86
N THR B 86 10.69 -12.41 -5.66
CA THR B 86 9.38 -11.93 -5.19
C THR B 86 9.54 -10.44 -4.87
N SER B 87 8.76 -9.61 -5.58
CA SER B 87 8.87 -8.16 -5.50
C SER B 87 7.72 -7.48 -6.22
N VAL B 88 7.76 -6.16 -6.26
CA VAL B 88 6.87 -5.34 -7.05
C VAL B 88 7.79 -4.76 -8.13
N TYR B 89 7.40 -4.92 -9.40
CA TYR B 89 8.17 -4.48 -10.55
C TYR B 89 7.54 -3.24 -11.17
N PHE B 90 8.28 -2.13 -11.19
CA PHE B 90 7.81 -0.87 -11.74
C PHE B 90 8.48 -0.56 -13.05
N CYS B 91 7.67 -0.24 -14.01
CA CYS B 91 8.20 0.20 -15.27
C CYS B 91 8.15 1.70 -15.31
N ALA B 92 9.06 2.31 -16.06
CA ALA B 92 9.15 3.76 -16.18
C ALA B 92 9.57 4.20 -17.58
N SER B 93 9.15 5.42 -17.95
CA SER B 93 9.37 6.06 -19.23
C SER B 93 9.88 7.49 -19.01
N SER B 94 10.78 7.94 -19.87
CA SER B 94 11.30 9.31 -19.81
C SER B 94 11.68 9.80 -21.22
N PRO B 95 11.39 11.05 -21.59
CA PRO B 95 11.84 11.54 -22.90
C PRO B 95 13.34 11.86 -22.86
N ARG B 96 14.01 11.89 -24.02
CA ARG B 96 15.43 12.23 -24.05
C ARG B 96 15.61 13.76 -23.98
N LEU B 97 14.79 14.51 -24.75
CA LEU B 97 14.84 15.95 -24.85
C LEU B 97 13.72 16.72 -24.08
N ALA B 98 14.08 17.72 -23.23
CA ALA B 98 15.45 18.08 -22.87
C ALA B 98 15.82 17.24 -21.65
N GLY B 99 14.78 16.89 -20.89
CA GLY B 99 14.81 16.05 -19.71
C GLY B 99 13.55 15.19 -19.70
N ASP B 100 13.00 14.85 -18.51
CA ASP B 100 13.52 15.16 -17.18
C ASP B 100 12.96 14.16 -16.18
N GLU B 101 11.68 14.30 -15.82
CA GLU B 101 11.02 13.35 -14.92
C GLU B 101 10.69 12.01 -15.60
N GLN B 102 10.55 11.00 -14.76
CA GLN B 102 10.18 9.66 -15.19
C GLN B 102 8.71 9.51 -14.87
N PHE B 103 8.00 8.82 -15.77
CA PHE B 103 6.59 8.47 -15.66
C PHE B 103 6.58 6.99 -15.38
N PHE B 104 5.87 6.59 -14.35
CA PHE B 104 5.84 5.23 -13.87
C PHE B 104 4.52 4.52 -14.17
N GLY B 105 4.63 3.20 -14.35
CA GLY B 105 3.51 2.29 -14.52
C GLY B 105 2.92 1.87 -13.18
N PRO B 106 1.75 1.19 -13.18
CA PRO B 106 1.09 0.83 -11.91
C PRO B 106 1.79 -0.24 -11.05
N GLY B 107 2.73 -0.96 -11.64
CA GLY B 107 3.46 -2.02 -10.96
C GLY B 107 2.85 -3.40 -11.14
N THR B 108 3.70 -4.43 -11.10
CA THR B 108 3.33 -5.86 -11.17
C THR B 108 3.86 -6.49 -9.89
N ARG B 109 2.98 -7.00 -9.04
CA ARG B 109 3.40 -7.70 -7.84
C ARG B 109 3.57 -9.22 -8.15
N LEU B 110 4.81 -9.72 -8.06
CA LEU B 110 5.18 -11.12 -8.27
C LEU B 110 5.59 -11.83 -6.98
N THR B 111 5.05 -13.05 -6.75
CA THR B 111 5.44 -13.89 -5.64
C THR B 111 5.84 -15.23 -6.16
N VAL B 112 7.12 -15.59 -5.93
CA VAL B 112 7.73 -16.85 -6.33
C VAL B 112 7.86 -17.73 -5.09
N LEU B 113 7.26 -18.90 -5.14
CA LEU B 113 7.27 -19.80 -3.99
C LEU B 113 7.81 -21.16 -4.41
N GLU B 114 8.40 -21.89 -3.45
CA GLU B 114 8.91 -23.23 -3.71
C GLU B 114 7.74 -24.19 -3.95
N ASP B 115 6.69 -24.04 -3.13
CA ASP B 115 5.50 -24.87 -3.19
C ASP B 115 4.20 -24.05 -3.19
N LEU B 116 3.32 -24.33 -4.18
CA LEU B 116 2.00 -23.70 -4.38
C LEU B 116 1.02 -24.06 -3.27
N LYS B 117 1.39 -25.05 -2.43
CA LYS B 117 0.64 -25.59 -1.28
C LYS B 117 0.48 -24.58 -0.15
N ASN B 118 1.29 -23.52 -0.15
CA ASN B 118 1.21 -22.43 0.82
C ASN B 118 0.15 -21.42 0.38
N VAL B 119 -0.30 -21.48 -0.91
CA VAL B 119 -1.31 -20.61 -1.49
C VAL B 119 -2.71 -20.88 -0.87
N PHE B 120 -3.26 -19.85 -0.21
CA PHE B 120 -4.56 -19.94 0.45
C PHE B 120 -5.41 -18.70 0.15
N PRO B 121 -6.72 -18.89 -0.17
CA PRO B 121 -7.58 -17.71 -0.36
C PRO B 121 -7.98 -17.10 0.99
N PRO B 122 -8.45 -15.86 1.07
CA PRO B 122 -8.87 -15.36 2.40
C PRO B 122 -10.25 -15.85 2.77
N GLU B 123 -10.56 -15.80 4.07
CA GLU B 123 -11.91 -15.99 4.59
C GLU B 123 -12.31 -14.54 4.96
N VAL B 124 -13.54 -14.15 4.63
CA VAL B 124 -14.01 -12.78 4.83
C VAL B 124 -15.20 -12.78 5.81
N ALA B 125 -15.14 -11.91 6.83
CA ALA B 125 -16.19 -11.83 7.83
C ALA B 125 -16.50 -10.38 8.10
N VAL B 126 -17.79 -10.02 8.18
CA VAL B 126 -18.24 -8.65 8.49
C VAL B 126 -18.73 -8.58 9.94
N PHE B 127 -18.25 -7.59 10.71
CA PHE B 127 -18.64 -7.41 12.11
C PHE B 127 -19.54 -6.20 12.25
N GLU B 128 -20.74 -6.42 12.80
CA GLU B 128 -21.80 -5.41 12.95
C GLU B 128 -21.53 -4.34 14.01
N PRO B 129 -21.91 -3.06 13.72
CA PRO B 129 -21.69 -1.97 14.68
C PRO B 129 -22.19 -2.20 16.10
N SER B 130 -21.36 -1.81 17.07
CA SER B 130 -21.67 -1.94 18.50
C SER B 130 -22.81 -0.96 18.86
N GLU B 131 -23.84 -1.49 19.53
CA GLU B 131 -25.00 -0.74 20.02
C GLU B 131 -24.56 0.34 21.02
N ALA B 132 -23.42 0.09 21.73
CA ALA B 132 -22.87 1.06 22.65
C ALA B 132 -22.30 2.25 21.88
N GLU B 133 -21.58 1.99 20.75
CA GLU B 133 -21.01 3.05 19.90
C GLU B 133 -22.14 3.90 19.32
N ILE B 134 -23.17 3.22 18.81
CA ILE B 134 -24.36 3.85 18.23
C ILE B 134 -25.00 4.83 19.23
N SER B 135 -25.37 4.36 20.45
CA SER B 135 -26.03 5.25 21.42
C SER B 135 -25.17 6.38 21.91
N HIS B 136 -23.84 6.12 22.02
CA HIS B 136 -22.87 7.12 22.45
C HIS B 136 -22.52 8.19 21.42
N THR B 137 -22.13 7.79 20.19
CA THR B 137 -21.62 8.69 19.16
C THR B 137 -22.60 9.08 18.07
N GLN B 138 -23.73 8.34 17.93
CA GLN B 138 -24.71 8.47 16.85
C GLN B 138 -24.03 8.04 15.48
N LYS B 139 -22.93 7.28 15.57
CA LYS B 139 -22.14 6.74 14.44
C LYS B 139 -22.08 5.23 14.60
N ALA B 140 -21.91 4.53 13.47
CA ALA B 140 -21.90 3.07 13.44
C ALA B 140 -20.72 2.54 12.62
N THR B 141 -19.77 1.87 13.27
CA THR B 141 -18.58 1.31 12.61
C THR B 141 -18.73 -0.19 12.32
N LEU B 142 -18.63 -0.54 11.03
CA LEU B 142 -18.58 -1.92 10.60
C LEU B 142 -17.11 -2.26 10.44
N VAL B 143 -16.73 -3.50 10.75
CA VAL B 143 -15.36 -3.96 10.57
C VAL B 143 -15.39 -5.18 9.67
N CYS B 144 -14.49 -5.20 8.69
CA CYS B 144 -14.35 -6.38 7.84
C CYS B 144 -13.00 -7.01 8.10
N LEU B 145 -12.97 -8.31 8.16
CA LEU B 145 -11.74 -9.03 8.41
C LEU B 145 -11.48 -10.02 7.31
N ALA B 146 -10.34 -9.85 6.61
CA ALA B 146 -9.88 -10.79 5.58
C ALA B 146 -8.75 -11.60 6.28
N THR B 147 -8.93 -12.93 6.44
CA THR B 147 -7.98 -13.75 7.20
C THR B 147 -7.51 -14.99 6.46
N GLY B 148 -6.28 -15.42 6.77
CA GLY B 148 -5.67 -16.65 6.27
C GLY B 148 -5.22 -16.68 4.84
N PHE B 149 -5.08 -15.51 4.20
CA PHE B 149 -4.63 -15.48 2.80
C PHE B 149 -3.09 -15.54 2.64
N TYR B 150 -2.64 -16.05 1.49
CA TYR B 150 -1.25 -16.17 1.12
C TYR B 150 -1.13 -16.45 -0.38
N PRO B 151 -0.27 -15.71 -1.12
CA PRO B 151 0.53 -14.54 -0.68
C PRO B 151 -0.33 -13.28 -0.50
N ASP B 152 0.28 -12.13 -0.12
CA ASP B 152 -0.39 -10.84 0.06
C ASP B 152 -0.78 -10.20 -1.31
N HIS B 153 -1.72 -10.84 -2.05
CA HIS B 153 -2.24 -10.41 -3.37
C HIS B 153 -3.75 -10.19 -3.25
N VAL B 154 -4.16 -9.11 -2.54
CA VAL B 154 -5.58 -8.81 -2.27
C VAL B 154 -5.97 -7.35 -2.52
N GLU B 155 -7.25 -7.12 -2.84
CA GLU B 155 -7.83 -5.78 -2.95
C GLU B 155 -9.15 -5.83 -2.22
N LEU B 156 -9.27 -5.04 -1.12
CA LEU B 156 -10.49 -4.97 -0.30
C LEU B 156 -11.29 -3.74 -0.69
N SER B 157 -12.59 -3.91 -0.89
CA SER B 157 -13.51 -2.81 -1.21
C SER B 157 -14.83 -2.97 -0.47
N TRP B 158 -15.51 -1.85 -0.20
CA TRP B 158 -16.82 -1.84 0.44
C TRP B 158 -17.88 -1.46 -0.59
N TRP B 159 -19.00 -2.19 -0.58
CA TRP B 159 -20.11 -1.99 -1.50
C TRP B 159 -21.39 -1.82 -0.72
N VAL B 160 -21.97 -0.61 -0.84
CA VAL B 160 -23.22 -0.26 -0.18
C VAL B 160 -24.33 -0.18 -1.25
N ASN B 161 -25.37 -1.03 -1.12
CA ASN B 161 -26.51 -1.02 -2.06
C ASN B 161 -26.07 -1.20 -3.54
N GLY B 162 -25.04 -2.04 -3.73
CA GLY B 162 -24.47 -2.39 -5.02
C GLY B 162 -23.49 -1.38 -5.57
N LYS B 163 -23.16 -0.32 -4.79
CA LYS B 163 -22.25 0.75 -5.20
C LYS B 163 -21.02 0.77 -4.31
N GLU B 164 -19.85 0.89 -4.92
CA GLU B 164 -18.60 0.93 -4.18
C GLU B 164 -18.49 2.27 -3.43
N VAL B 165 -18.06 2.20 -2.18
CA VAL B 165 -17.90 3.39 -1.35
C VAL B 165 -16.45 3.66 -0.97
N HIS B 166 -16.10 4.93 -0.81
CA HIS B 166 -14.75 5.31 -0.36
C HIS B 166 -14.81 6.16 0.92
N SER B 167 -15.87 6.99 1.04
CA SER B 167 -16.06 7.86 2.21
C SER B 167 -16.37 7.01 3.42
N GLY B 168 -15.74 7.33 4.53
CA GLY B 168 -15.93 6.61 5.79
C GLY B 168 -15.22 5.27 5.87
N VAL B 169 -14.35 4.95 4.89
CA VAL B 169 -13.57 3.71 4.90
C VAL B 169 -12.11 3.90 5.27
N CYS B 170 -11.58 2.95 6.04
CA CYS B 170 -10.18 2.89 6.32
C CYS B 170 -9.69 1.45 6.39
N THR B 171 -8.81 1.10 5.46
CA THR B 171 -8.25 -0.26 5.35
C THR B 171 -6.81 -0.23 5.80
N ASP B 172 -6.38 -1.28 6.53
CA ASP B 172 -4.99 -1.39 6.94
C ASP B 172 -4.07 -1.23 5.73
N PRO B 173 -3.03 -0.36 5.81
CA PRO B 173 -2.15 -0.17 4.64
C PRO B 173 -1.38 -1.45 4.28
N GLN B 174 -1.03 -2.25 5.30
CA GLN B 174 -0.34 -3.51 5.17
C GLN B 174 -0.98 -4.60 6.07
N PRO B 175 -0.95 -5.89 5.69
CA PRO B 175 -1.58 -6.92 6.54
C PRO B 175 -0.65 -7.46 7.65
N LEU B 176 -1.25 -8.07 8.70
CA LEU B 176 -0.49 -8.66 9.82
C LEU B 176 -0.13 -10.08 9.40
N LYS B 177 0.91 -10.67 10.01
CA LYS B 177 1.25 -12.08 9.78
C LYS B 177 0.54 -12.83 10.91
N GLU B 178 -0.38 -13.76 10.56
CA GLU B 178 -1.11 -14.54 11.56
C GLU B 178 -0.16 -15.37 12.45
N GLN B 179 1.02 -15.76 11.91
CA GLN B 179 2.06 -16.50 12.64
C GLN B 179 3.43 -15.82 12.35
N PRO B 180 3.76 -14.75 13.12
CA PRO B 180 4.99 -13.98 12.84
C PRO B 180 6.31 -14.75 12.71
N ALA B 181 6.47 -15.83 13.49
CA ALA B 181 7.67 -16.68 13.51
C ALA B 181 7.73 -17.71 12.36
N LEU B 182 7.10 -17.40 11.20
CA LEU B 182 7.08 -18.28 10.02
C LEU B 182 7.23 -17.45 8.75
N ASN B 183 8.18 -17.83 7.89
CA ASN B 183 8.49 -17.11 6.63
C ASN B 183 7.38 -17.13 5.56
N ASP B 184 6.46 -18.13 5.64
CA ASP B 184 5.32 -18.33 4.73
C ASP B 184 3.98 -18.21 5.49
N SER B 185 3.97 -17.35 6.53
CA SER B 185 2.82 -17.02 7.37
C SER B 185 1.67 -16.54 6.52
N ARG B 186 0.44 -16.98 6.85
CA ARG B 186 -0.79 -16.54 6.19
C ARG B 186 -1.08 -15.14 6.75
N TYR B 187 -1.83 -14.32 5.99
CA TYR B 187 -2.08 -12.92 6.38
C TYR B 187 -3.48 -12.61 6.87
N ALA B 188 -3.58 -11.50 7.59
CA ALA B 188 -4.84 -10.95 8.08
C ALA B 188 -4.85 -9.45 7.75
N LEU B 189 -6.00 -8.95 7.21
CA LEU B 189 -6.19 -7.53 6.86
C LEU B 189 -7.53 -7.04 7.34
N SER B 190 -7.55 -5.88 8.02
CA SER B 190 -8.84 -5.34 8.48
C SER B 190 -9.21 -4.04 7.76
N SER B 191 -10.50 -3.73 7.80
CA SER B 191 -11.04 -2.52 7.21
C SER B 191 -12.23 -2.08 8.01
N ARG B 192 -12.37 -0.78 8.18
CA ARG B 192 -13.49 -0.19 8.91
C ARG B 192 -14.38 0.61 7.95
N LEU B 193 -15.69 0.50 8.09
CA LEU B 193 -16.61 1.34 7.35
C LEU B 193 -17.48 2.03 8.38
N ARG B 194 -17.37 3.37 8.48
CA ARG B 194 -18.18 4.09 9.46
C ARG B 194 -19.26 4.95 8.80
N VAL B 195 -20.51 4.74 9.22
CA VAL B 195 -21.69 5.48 8.75
C VAL B 195 -22.40 6.17 9.93
N SER B 196 -23.48 6.93 9.64
CA SER B 196 -24.34 7.53 10.66
C SER B 196 -25.15 6.38 11.24
N ALA B 197 -25.57 6.49 12.50
CA ALA B 197 -26.43 5.48 13.15
C ALA B 197 -27.73 5.31 12.34
N THR B 198 -28.33 6.42 11.83
CA THR B 198 -29.58 6.37 11.05
C THR B 198 -29.43 5.58 9.75
N PHE B 199 -28.26 5.68 9.09
CA PHE B 199 -27.99 4.92 7.86
C PHE B 199 -27.96 3.40 8.14
N TRP B 200 -27.22 3.00 9.17
CA TRP B 200 -27.12 1.61 9.64
C TRP B 200 -28.48 1.09 10.15
N GLN B 201 -29.26 1.94 10.84
CA GLN B 201 -30.56 1.55 11.40
C GLN B 201 -31.64 1.25 10.35
N ASN B 202 -31.36 1.56 9.08
CA ASN B 202 -32.29 1.30 7.97
C ASN B 202 -32.10 -0.14 7.46
N PRO B 203 -33.10 -1.04 7.64
CA PRO B 203 -32.95 -2.41 7.12
C PRO B 203 -32.92 -2.53 5.60
N ARG B 204 -33.22 -1.44 4.86
CA ARG B 204 -33.12 -1.46 3.38
C ARG B 204 -31.63 -1.39 2.95
N ASN B 205 -30.72 -0.97 3.85
CA ASN B 205 -29.30 -0.83 3.50
C ASN B 205 -28.48 -2.10 3.55
N HIS B 206 -27.73 -2.34 2.46
CA HIS B 206 -26.92 -3.53 2.31
C HIS B 206 -25.43 -3.14 2.32
N PHE B 207 -24.66 -3.76 3.21
CA PHE B 207 -23.23 -3.54 3.42
C PHE B 207 -22.45 -4.81 3.07
N ARG B 208 -21.60 -4.70 2.07
CA ARG B 208 -20.82 -5.84 1.63
C ARG B 208 -19.35 -5.50 1.56
N CYS B 209 -18.55 -6.38 2.15
CA CYS B 209 -17.12 -6.27 2.10
C CYS B 209 -16.61 -7.29 1.12
N GLN B 210 -15.82 -6.82 0.15
CA GLN B 210 -15.33 -7.57 -0.99
C GLN B 210 -13.82 -7.69 -0.97
N VAL B 211 -13.31 -8.92 -1.08
CA VAL B 211 -11.85 -9.11 -1.16
C VAL B 211 -11.51 -9.91 -2.44
N GLN B 212 -10.82 -9.28 -3.39
CA GLN B 212 -10.38 -9.97 -4.59
C GLN B 212 -9.01 -10.53 -4.28
N PHE B 213 -8.86 -11.85 -4.44
CA PHE B 213 -7.66 -12.61 -4.19
C PHE B 213 -7.05 -13.04 -5.52
N TYR B 214 -5.79 -12.66 -5.77
CA TYR B 214 -5.12 -13.04 -7.00
C TYR B 214 -4.30 -14.28 -6.66
N GLY B 215 -4.74 -15.41 -7.17
CA GLY B 215 -4.13 -16.70 -6.87
C GLY B 215 -3.67 -17.46 -8.09
N LEU B 216 -3.99 -18.73 -8.07
CA LEU B 216 -3.58 -19.66 -9.11
C LEU B 216 -4.39 -19.52 -10.42
N SER B 217 -3.80 -20.02 -11.50
CA SER B 217 -4.37 -20.03 -12.85
C SER B 217 -4.72 -21.47 -13.21
N GLU B 218 -5.34 -21.69 -14.39
CA GLU B 218 -5.70 -23.04 -14.87
C GLU B 218 -4.44 -23.85 -15.19
N ASN B 219 -3.44 -23.19 -15.81
CA ASN B 219 -2.13 -23.74 -16.18
C ASN B 219 -1.39 -24.36 -14.99
N ASP B 220 -1.51 -23.76 -13.78
CA ASP B 220 -0.87 -24.24 -12.55
C ASP B 220 -1.39 -25.61 -12.13
N GLU B 221 -0.48 -26.48 -11.68
CA GLU B 221 -0.80 -27.84 -11.23
C GLU B 221 -1.20 -27.88 -9.76
N TRP B 222 -2.33 -28.52 -9.45
CA TRP B 222 -2.80 -28.67 -8.07
C TRP B 222 -2.85 -30.15 -7.69
N THR B 223 -2.14 -30.51 -6.61
CA THR B 223 -2.06 -31.89 -6.12
C THR B 223 -2.46 -31.98 -4.63
N GLN B 224 -3.39 -31.12 -4.18
CA GLN B 224 -3.80 -31.10 -2.78
C GLN B 224 -5.25 -31.47 -2.63
N ASP B 225 -5.61 -32.01 -1.46
CA ASP B 225 -7.01 -32.34 -1.16
C ASP B 225 -7.64 -31.12 -0.45
N ARG B 226 -8.00 -30.14 -1.28
CA ARG B 226 -8.66 -28.87 -0.96
C ARG B 226 -8.84 -28.11 -2.25
N ALA B 227 -9.90 -27.29 -2.30
CA ALA B 227 -10.21 -26.45 -3.45
C ALA B 227 -8.96 -25.68 -3.89
N LYS B 228 -8.70 -25.72 -5.19
CA LYS B 228 -7.58 -25.05 -5.78
C LYS B 228 -7.74 -23.52 -5.52
N PRO B 229 -6.76 -22.89 -4.84
CA PRO B 229 -6.86 -21.46 -4.52
C PRO B 229 -6.62 -20.53 -5.71
N VAL B 230 -7.55 -20.57 -6.65
CA VAL B 230 -7.54 -19.74 -7.85
C VAL B 230 -7.86 -18.26 -7.52
N THR B 231 -7.60 -17.35 -8.47
CA THR B 231 -8.02 -15.95 -8.39
C THR B 231 -9.57 -15.98 -8.18
N GLN B 232 -10.06 -15.25 -7.19
CA GLN B 232 -11.50 -15.23 -6.90
C GLN B 232 -11.82 -14.05 -6.00
N ILE B 233 -13.11 -13.75 -5.85
CA ILE B 233 -13.63 -12.80 -4.91
C ILE B 233 -14.32 -13.60 -3.81
N VAL B 234 -14.03 -13.19 -2.56
CA VAL B 234 -14.62 -13.70 -1.34
C VAL B 234 -15.28 -12.46 -0.71
N SER B 235 -16.52 -12.61 -0.27
CA SER B 235 -17.35 -11.54 0.28
C SER B 235 -18.05 -11.95 1.54
N ALA B 236 -18.32 -10.98 2.40
CA ALA B 236 -19.18 -11.13 3.55
C ALA B 236 -20.09 -9.89 3.55
N GLU B 237 -21.33 -10.06 4.01
CA GLU B 237 -22.30 -9.01 3.99
C GLU B 237 -23.06 -8.87 5.31
N ALA B 238 -23.69 -7.71 5.48
CA ALA B 238 -24.56 -7.37 6.60
C ALA B 238 -25.65 -6.46 6.06
N TRP B 239 -26.83 -6.55 6.67
N TRP B 239 -26.84 -6.55 6.65
CA TRP B 239 -27.98 -5.71 6.39
CA TRP B 239 -27.99 -5.70 6.35
C TRP B 239 -28.16 -4.80 7.59
C TRP B 239 -28.18 -4.81 7.58
N GLY B 240 -28.66 -3.59 7.36
CA GLY B 240 -28.96 -2.62 8.41
C GLY B 240 -30.06 -3.13 9.35
N ARG B 241 -30.07 -2.69 10.61
CA ARG B 241 -31.06 -3.17 11.60
C ARG B 241 -31.47 -2.09 12.60
N ALA B 242 -32.78 -1.96 12.90
CA ALA B 242 -33.33 -0.97 13.85
C ALA B 242 -32.68 -1.10 15.25
N ASP B 243 -32.45 -2.36 15.71
CA ASP B 243 -31.77 -2.70 16.99
C ASP B 243 -31.26 -4.16 17.01
#